data_7EYU
#
_entry.id   7EYU
#
_cell.length_a   42.813
_cell.length_b   50.583
_cell.length_c   71.982
_cell.angle_alpha   109.107
_cell.angle_beta   91.294
_cell.angle_gamma   112.859
#
_symmetry.space_group_name_H-M   'P 1'
#
loop_
_entity.id
_entity.type
_entity.pdbx_description
1 polymer '2-oxoglutarate/Fe(II)-dependent dioxygenase SptF'
2 non-polymer N-OXALYLGLYCINE
3 non-polymer 'Andiconin D'
4 non-polymer 'FE (II) ION'
5 water water
#
_entity_poly.entity_id   1
_entity_poly.type   'polypeptide(L)'
_entity_poly.pdbx_seq_one_letter_code
;MPQLHYVPYDTPVEDVMRILKESGTLVIRNFLDQNTVQKVQDEVDDYVRNWNPGPKYNHDIKTVGSKTKQPSNLSLMSKT
YRCEVLNHPWMHAICERMFGPTYGDYWFNGGSILHLEPGENTQPIHQDHVFYQISKWRRPTDPDLTINFTMALTEFTVEN
GGTRVCPGSHLWENGHASPAEEDMVPVLMQPGDALILPGSMWHSAGANRTSEYRRGFATSFHPCHFTPIESHHHLPREMV
EEMTPLVQKMLGFRTLNLHNNVKVWKAGEGNLEDATGLKSVAAKLAAALEHHHHHH
;
_entity_poly.pdbx_strand_id   B,A
#
# COMPACT_ATOMS: atom_id res chain seq x y z
N PRO A 2 -14.47 29.95 3.45
CA PRO A 2 -13.75 29.28 2.36
C PRO A 2 -14.03 29.90 1.00
N GLN A 3 -13.02 29.94 0.13
CA GLN A 3 -13.17 30.51 -1.19
C GLN A 3 -12.07 29.97 -2.09
N LEU A 4 -12.34 29.95 -3.40
CA LEU A 4 -11.37 29.50 -4.37
C LEU A 4 -10.33 30.58 -4.60
N HIS A 5 -9.05 30.23 -4.44
CA HIS A 5 -7.95 31.16 -4.56
C HIS A 5 -7.14 30.87 -5.82
N TYR A 6 -6.71 31.93 -6.49
CA TYR A 6 -5.78 31.86 -7.61
C TYR A 6 -4.52 32.59 -7.20
N VAL A 7 -3.44 31.85 -6.97
CA VAL A 7 -2.20 32.44 -6.46
C VAL A 7 -1.10 32.34 -7.52
N PRO A 8 -0.15 33.27 -7.55
CA PRO A 8 0.95 33.16 -8.52
C PRO A 8 1.91 32.02 -8.21
N TYR A 9 2.89 31.81 -9.07
CA TYR A 9 3.79 30.67 -8.91
C TYR A 9 4.66 30.81 -7.67
N ASP A 10 5.17 32.01 -7.40
CA ASP A 10 6.10 32.23 -6.30
C ASP A 10 5.39 32.56 -4.99
N THR A 11 4.17 32.08 -4.80
CA THR A 11 3.50 32.24 -3.52
C THR A 11 4.26 31.46 -2.45
N PRO A 12 4.43 32.01 -1.25
CA PRO A 12 5.10 31.27 -0.17
C PRO A 12 4.42 29.93 0.08
N VAL A 13 5.24 28.94 0.45
CA VAL A 13 4.75 27.56 0.52
C VAL A 13 3.75 27.40 1.67
N GLU A 14 4.02 28.03 2.82
CA GLU A 14 3.11 27.88 3.94
C GLU A 14 1.84 28.71 3.75
N ASP A 15 1.89 29.73 2.90
CA ASP A 15 0.66 30.40 2.49
C ASP A 15 -0.22 29.45 1.68
N VAL A 16 0.39 28.65 0.80
CA VAL A 16 -0.35 27.63 0.07
C VAL A 16 -0.90 26.58 1.03
N MET A 17 -0.10 26.19 2.02
CA MET A 17 -0.56 25.22 3.01
C MET A 17 -1.70 25.79 3.85
N ARG A 18 -1.64 27.08 4.18
CA ARG A 18 -2.71 27.69 4.95
C ARG A 18 -4.00 27.78 4.14
N ILE A 19 -3.89 28.09 2.84
CA ILE A 19 -5.07 28.12 1.99
C ILE A 19 -5.64 26.71 1.83
N LEU A 20 -4.77 25.70 1.76
CA LEU A 20 -5.24 24.32 1.71
C LEU A 20 -5.97 23.94 2.99
N LYS A 21 -5.51 24.45 4.13
CA LYS A 21 -6.18 24.18 5.39
C LYS A 21 -7.49 24.96 5.51
N GLU A 22 -7.54 26.17 4.94
CA GLU A 22 -8.72 27.01 5.03
C GLU A 22 -9.82 26.54 4.09
N SER A 23 -9.54 26.52 2.78
CA SER A 23 -10.56 26.27 1.77
C SER A 23 -10.43 24.90 1.11
N GLY A 24 -9.42 24.11 1.47
CA GLY A 24 -9.32 22.76 0.96
C GLY A 24 -8.93 22.65 -0.50
N THR A 25 -8.59 23.75 -1.16
CA THR A 25 -8.19 23.74 -2.55
C THR A 25 -7.64 25.12 -2.91
N LEU A 26 -6.91 25.17 -4.02
CA LEU A 26 -6.37 26.41 -4.55
C LEU A 26 -5.85 26.16 -5.95
N VAL A 27 -5.44 27.23 -6.62
CA VAL A 27 -4.93 27.16 -7.98
C VAL A 27 -3.58 27.87 -8.02
N ILE A 28 -2.56 27.18 -8.51
CA ILE A 28 -1.24 27.76 -8.72
C ILE A 28 -1.12 28.08 -10.20
N ARG A 29 -1.18 29.35 -10.55
CA ARG A 29 -1.08 29.77 -11.93
C ARG A 29 0.36 29.67 -12.41
N ASN A 30 0.51 29.41 -13.72
CA ASN A 30 1.81 29.19 -14.34
C ASN A 30 2.58 28.05 -13.65
N PHE A 31 1.84 27.04 -13.18
CA PHE A 31 2.46 25.86 -12.59
C PHE A 31 3.39 25.17 -13.60
N LEU A 32 3.00 25.18 -14.87
CA LEU A 32 3.82 24.66 -15.96
C LEU A 32 3.99 25.75 -17.01
N ASP A 33 5.21 25.87 -17.54
CA ASP A 33 5.42 26.81 -18.62
C ASP A 33 4.90 26.21 -19.93
N GLN A 34 4.80 27.06 -20.95
CA GLN A 34 4.22 26.63 -22.23
C GLN A 34 5.07 25.55 -22.88
N ASN A 35 6.37 25.52 -22.61
CA ASN A 35 7.22 24.47 -23.16
C ASN A 35 6.80 23.10 -22.64
N THR A 36 6.60 22.97 -21.33
CA THR A 36 6.22 21.68 -20.75
C THR A 36 4.84 21.25 -21.20
N VAL A 37 3.89 22.18 -21.25
CA VAL A 37 2.54 21.87 -21.72
C VAL A 37 2.59 21.31 -23.13
N GLN A 38 3.40 21.94 -24.00
CA GLN A 38 3.45 21.53 -25.39
C GLN A 38 4.20 20.21 -25.57
N LYS A 39 5.23 19.96 -24.76
CA LYS A 39 5.95 18.69 -24.84
C LYS A 39 5.08 17.53 -24.39
N VAL A 40 4.31 17.74 -23.32
CA VAL A 40 3.39 16.70 -22.86
C VAL A 40 2.31 16.44 -23.91
N GLN A 41 1.77 17.51 -24.50
CA GLN A 41 0.76 17.35 -25.53
C GLN A 41 1.30 16.61 -26.74
N ASP A 42 2.59 16.79 -27.07
CA ASP A 42 3.16 16.12 -28.21
C ASP A 42 3.42 14.65 -27.94
N GLU A 43 3.79 14.31 -26.70
CA GLU A 43 4.18 12.94 -26.37
C GLU A 43 3.00 12.03 -26.07
N VAL A 44 1.80 12.58 -25.86
CA VAL A 44 0.62 11.78 -25.55
C VAL A 44 -0.50 12.00 -26.55
N ASP A 45 -0.22 12.67 -27.67
CA ASP A 45 -1.27 13.01 -28.62
C ASP A 45 -1.90 11.75 -29.22
N ASP A 46 -1.08 10.90 -29.84
CA ASP A 46 -1.61 9.67 -30.45
C ASP A 46 -2.11 8.70 -29.38
N TYR A 47 -1.52 8.72 -28.18
CA TYR A 47 -1.95 7.81 -27.13
C TYR A 47 -3.38 8.11 -26.68
N VAL A 48 -3.72 9.38 -26.51
CA VAL A 48 -5.08 9.74 -26.16
C VAL A 48 -6.00 9.59 -27.36
N ARG A 49 -5.46 9.75 -28.57
CA ARG A 49 -6.27 9.61 -29.78
C ARG A 49 -6.79 8.20 -29.96
N ASN A 50 -5.95 7.19 -29.67
CA ASN A 50 -6.33 5.80 -29.85
C ASN A 50 -6.96 5.19 -28.61
N TRP A 51 -7.04 5.93 -27.50
CA TRP A 51 -7.61 5.38 -26.28
C TRP A 51 -9.14 5.36 -26.38
N ASN A 52 -9.72 4.21 -26.03
CA ASN A 52 -11.17 4.06 -26.08
C ASN A 52 -11.82 4.77 -24.89
N PRO A 53 -12.92 5.48 -25.11
CA PRO A 53 -13.53 6.25 -24.02
C PRO A 53 -14.30 5.36 -23.06
N GLY A 54 -14.52 5.90 -21.87
CA GLY A 54 -15.20 5.18 -20.82
C GLY A 54 -14.24 4.39 -19.96
N PRO A 55 -14.76 3.72 -18.93
CA PRO A 55 -13.88 2.97 -18.03
C PRO A 55 -13.28 1.74 -18.71
N LYS A 56 -12.00 1.50 -18.41
CA LYS A 56 -11.32 0.33 -18.97
C LYS A 56 -11.74 -0.95 -18.28
N TYR A 57 -11.89 -0.92 -16.96
CA TYR A 57 -12.38 -2.06 -16.20
C TYR A 57 -13.55 -1.64 -15.33
N ASN A 58 -14.33 -2.62 -14.90
CA ASN A 58 -15.57 -2.36 -14.17
C ASN A 58 -15.29 -2.30 -12.67
N HIS A 59 -15.56 -1.15 -12.07
CA HIS A 59 -15.50 -0.99 -10.62
C HIS A 59 -16.70 -0.18 -10.16
N ASP A 60 -16.86 -0.09 -8.84
CA ASP A 60 -18.09 0.45 -8.27
C ASP A 60 -18.21 1.97 -8.42
N ILE A 61 -17.10 2.68 -8.60
CA ILE A 61 -17.14 4.13 -8.69
C ILE A 61 -17.54 4.53 -10.10
N LYS A 62 -18.85 4.57 -10.36
CA LYS A 62 -19.39 4.90 -11.67
C LYS A 62 -19.23 6.39 -11.91
N THR A 63 -18.07 6.77 -12.45
CA THR A 63 -17.73 8.18 -12.60
C THR A 63 -17.05 8.52 -13.91
N VAL A 64 -16.70 7.55 -14.73
CA VAL A 64 -16.05 7.79 -16.02
C VAL A 64 -17.14 7.77 -17.09
N GLY A 65 -17.48 8.95 -17.59
CA GLY A 65 -18.54 9.06 -18.57
C GLY A 65 -18.17 8.42 -19.91
N SER A 66 -19.21 8.18 -20.72
CA SER A 66 -19.02 7.53 -22.01
C SER A 66 -18.29 8.39 -23.02
N LYS A 67 -18.15 9.69 -22.76
CA LYS A 67 -17.39 10.59 -23.61
C LYS A 67 -16.17 11.14 -22.89
N THR A 68 -15.58 10.34 -22.01
CA THR A 68 -14.44 10.76 -21.21
C THR A 68 -13.30 9.77 -21.38
N LYS A 69 -12.12 10.27 -21.73
CA LYS A 69 -10.92 9.46 -21.85
C LYS A 69 -10.03 9.72 -20.63
N GLN A 70 -9.70 8.67 -19.89
CA GLN A 70 -8.82 8.76 -18.73
C GLN A 70 -7.75 7.69 -18.82
N PRO A 71 -6.77 7.87 -19.71
CA PRO A 71 -5.65 6.92 -19.77
C PRO A 71 -4.54 7.30 -18.81
N SER A 72 -3.96 6.29 -18.17
CA SER A 72 -2.84 6.50 -17.27
C SER A 72 -1.54 6.06 -17.93
N ASN A 73 -0.66 5.39 -17.17
CA ASN A 73 0.64 4.98 -17.67
C ASN A 73 1.44 6.16 -18.22
N LEU A 74 1.33 7.29 -17.54
CA LEU A 74 1.87 8.54 -18.08
C LEU A 74 3.40 8.52 -18.13
N SER A 75 4.05 7.87 -17.17
CA SER A 75 5.51 7.82 -17.17
C SER A 75 6.03 6.97 -18.32
N LEU A 76 5.35 5.87 -18.64
CA LEU A 76 5.77 5.01 -19.75
C LEU A 76 5.56 5.68 -21.10
N MET A 77 4.56 6.55 -21.21
CA MET A 77 4.19 7.15 -22.49
C MET A 77 4.76 8.54 -22.69
N SER A 78 5.26 9.19 -21.64
CA SER A 78 5.75 10.56 -21.75
C SER A 78 7.07 10.68 -21.00
N LYS A 79 8.13 11.06 -21.72
CA LYS A 79 9.41 11.28 -21.06
C LYS A 79 9.41 12.57 -20.26
N THR A 80 8.71 13.60 -20.76
CA THR A 80 8.59 14.85 -20.02
C THR A 80 7.87 14.63 -18.69
N TYR A 81 6.96 13.67 -18.64
CA TYR A 81 6.22 13.41 -17.40
C TYR A 81 7.13 12.85 -16.32
N ARG A 82 8.00 11.91 -16.68
CA ARG A 82 8.85 11.24 -15.70
C ARG A 82 10.17 11.94 -15.45
N CYS A 83 10.60 12.81 -16.36
CA CYS A 83 11.88 13.50 -16.23
C CYS A 83 11.75 14.97 -15.84
N GLU A 84 10.55 15.51 -15.78
CA GLU A 84 10.37 16.92 -15.42
C GLU A 84 9.13 17.11 -14.55
N VAL A 85 8.01 16.54 -14.97
CA VAL A 85 6.76 16.74 -14.24
C VAL A 85 6.83 16.14 -12.84
N LEU A 86 7.38 14.92 -12.73
CA LEU A 86 7.48 14.27 -11.44
C LEU A 86 8.55 14.88 -10.55
N ASN A 87 9.38 15.77 -11.07
CA ASN A 87 10.37 16.49 -10.28
C ASN A 87 9.90 17.90 -9.92
N HIS A 88 8.64 18.20 -10.13
CA HIS A 88 8.14 19.56 -9.90
C HIS A 88 8.30 19.94 -8.43
N PRO A 89 8.98 21.06 -8.13
CA PRO A 89 9.25 21.39 -6.72
C PRO A 89 7.99 21.69 -5.93
N TRP A 90 6.93 22.18 -6.57
CA TRP A 90 5.70 22.48 -5.84
C TRP A 90 5.04 21.22 -5.32
N MET A 91 5.02 20.15 -6.14
CA MET A 91 4.43 18.89 -5.71
C MET A 91 5.14 18.35 -4.47
N HIS A 92 6.47 18.37 -4.49
CA HIS A 92 7.22 17.80 -3.38
C HIS A 92 7.20 18.71 -2.15
N ALA A 93 7.22 20.03 -2.36
CA ALA A 93 7.15 20.95 -1.24
C ALA A 93 5.82 20.84 -0.50
N ILE A 94 4.73 20.57 -1.22
CA ILE A 94 3.44 20.41 -0.57
C ILE A 94 3.28 19.01 0.01
N CYS A 95 3.77 18.00 -0.71
CA CYS A 95 3.65 16.63 -0.22
C CYS A 95 4.46 16.41 1.06
N GLU A 96 5.59 17.11 1.21
CA GLU A 96 6.37 17.01 2.43
C GLU A 96 5.58 17.51 3.63
N ARG A 97 5.03 18.72 3.54
CA ARG A 97 4.28 19.30 4.65
C ARG A 97 2.96 18.59 4.88
N MET A 98 2.48 17.81 3.91
CA MET A 98 1.19 17.13 4.04
C MET A 98 1.33 15.74 4.65
N PHE A 99 2.32 14.96 4.21
CA PHE A 99 2.46 13.58 4.65
C PHE A 99 3.64 13.34 5.58
N GLY A 100 4.64 14.21 5.57
CA GLY A 100 5.82 14.06 6.39
C GLY A 100 5.56 13.93 7.88
N PRO A 101 4.89 14.92 8.47
CA PRO A 101 4.72 14.92 9.93
C PRO A 101 3.93 13.74 10.50
N THR A 102 3.30 12.92 9.67
CA THR A 102 2.52 11.78 10.16
C THR A 102 3.01 10.46 9.57
N TYR A 103 3.18 10.40 8.25
CA TYR A 103 3.51 9.15 7.58
C TYR A 103 4.99 9.02 7.21
N GLY A 104 5.75 10.10 7.29
CA GLY A 104 7.14 10.06 6.87
C GLY A 104 7.29 10.29 5.39
N ASP A 105 7.62 9.24 4.64
CA ASP A 105 7.80 9.37 3.21
C ASP A 105 6.45 9.28 2.49
N TYR A 106 6.47 9.70 1.22
CA TYR A 106 5.35 9.57 0.31
C TYR A 106 5.87 9.06 -1.02
N TRP A 107 4.97 8.76 -1.94
CA TRP A 107 5.38 8.36 -3.29
C TRP A 107 4.20 8.52 -4.24
N PHE A 108 4.46 8.22 -5.51
CA PHE A 108 3.49 8.43 -6.56
C PHE A 108 2.33 7.46 -6.43
N ASN A 109 1.11 8.00 -6.38
CA ASN A 109 -0.10 7.18 -6.30
C ASN A 109 -0.62 6.82 -7.69
N GLY A 110 -0.83 7.82 -8.54
CA GLY A 110 -1.31 7.57 -9.88
C GLY A 110 -1.37 8.86 -10.66
N GLY A 111 -1.52 8.72 -11.97
CA GLY A 111 -1.60 9.87 -12.85
C GLY A 111 -2.33 9.56 -14.14
N SER A 112 -3.32 10.38 -14.49
CA SER A 112 -4.16 10.11 -15.65
C SER A 112 -4.30 11.37 -16.50
N ILE A 113 -4.58 11.16 -17.78
CA ILE A 113 -5.04 12.24 -18.66
C ILE A 113 -6.53 12.41 -18.45
N LEU A 114 -6.97 13.66 -18.32
CA LEU A 114 -8.38 13.97 -18.10
C LEU A 114 -8.89 14.66 -19.36
N HIS A 115 -9.47 13.87 -20.26
CA HIS A 115 -9.89 14.33 -21.58
C HIS A 115 -11.41 14.30 -21.65
N LEU A 116 -12.02 15.47 -21.82
CA LEU A 116 -13.46 15.60 -21.98
C LEU A 116 -13.76 15.80 -23.47
N GLU A 117 -14.32 14.79 -24.11
CA GLU A 117 -14.79 14.94 -25.47
C GLU A 117 -15.89 15.99 -25.54
N PRO A 118 -16.09 16.60 -26.71
CA PRO A 118 -17.23 17.53 -26.85
C PRO A 118 -18.54 16.78 -26.69
N GLY A 119 -19.38 17.27 -25.79
CA GLY A 119 -20.67 16.66 -25.54
C GLY A 119 -20.76 15.81 -24.29
N GLU A 120 -19.68 15.70 -23.52
CA GLU A 120 -19.71 14.90 -22.30
C GLU A 120 -20.54 15.60 -21.23
N ASN A 121 -21.30 14.81 -20.49
CA ASN A 121 -22.14 15.35 -19.43
C ASN A 121 -21.32 15.55 -18.14
N THR A 122 -21.99 16.15 -17.16
CA THR A 122 -21.33 16.52 -15.92
C THR A 122 -20.95 15.27 -15.13
N GLN A 123 -19.75 15.29 -14.55
CA GLN A 123 -19.25 14.17 -13.76
C GLN A 123 -19.90 14.18 -12.38
N PRO A 124 -20.20 13.01 -11.81
CA PRO A 124 -20.74 12.98 -10.45
C PRO A 124 -19.75 13.56 -9.45
N ILE A 125 -20.26 14.39 -8.55
CA ILE A 125 -19.42 15.01 -7.53
C ILE A 125 -18.92 13.94 -6.58
N HIS A 126 -17.63 13.99 -6.27
CA HIS A 126 -16.98 12.90 -5.55
C HIS A 126 -15.78 13.43 -4.79
N GLN A 127 -15.29 12.62 -3.86
CA GLN A 127 -14.00 12.83 -3.20
C GLN A 127 -13.02 11.81 -3.73
N ASP A 128 -11.77 12.24 -3.95
CA ASP A 128 -10.79 11.36 -4.58
C ASP A 128 -10.42 10.18 -3.69
N HIS A 129 -10.49 10.34 -2.37
CA HIS A 129 -10.13 9.25 -1.47
C HIS A 129 -11.27 8.27 -1.23
N VAL A 130 -12.30 8.27 -2.08
CA VAL A 130 -13.45 7.40 -1.86
C VAL A 130 -13.06 5.93 -2.03
N PHE A 131 -12.07 5.64 -2.88
CA PHE A 131 -11.64 4.26 -3.06
C PHE A 131 -10.70 3.78 -1.95
N TYR A 132 -10.43 4.61 -0.96
CA TYR A 132 -9.73 4.17 0.25
C TYR A 132 -10.75 3.67 1.25
N GLN A 133 -10.61 2.41 1.66
CA GLN A 133 -11.52 1.88 2.68
C GLN A 133 -11.31 2.57 4.02
N ILE A 134 -10.06 2.94 4.32
CA ILE A 134 -9.71 3.56 5.59
C ILE A 134 -10.21 5.00 5.63
N SER A 135 -10.81 5.46 4.53
CA SER A 135 -11.39 6.80 4.52
C SER A 135 -12.55 6.92 5.50
N LYS A 136 -13.22 5.81 5.80
CA LYS A 136 -14.30 5.82 6.77
C LYS A 136 -13.81 5.79 8.21
N TRP A 137 -12.51 5.54 8.43
CA TRP A 137 -11.91 5.69 9.75
C TRP A 137 -11.32 7.07 9.97
N ARG A 138 -11.09 7.82 8.90
CA ARG A 138 -10.46 9.13 8.98
C ARG A 138 -11.47 10.20 9.37
N ARG A 139 -11.01 11.17 10.14
CA ARG A 139 -11.76 12.35 10.54
C ARG A 139 -11.30 13.56 9.74
N PRO A 140 -12.14 14.60 9.63
CA PRO A 140 -11.74 15.77 8.82
C PRO A 140 -10.48 16.45 9.32
N THR A 141 -10.16 16.35 10.61
CA THR A 141 -8.96 16.98 11.14
C THR A 141 -7.70 16.14 10.94
N ASP A 142 -7.83 14.94 10.40
CA ASP A 142 -6.67 14.10 10.12
C ASP A 142 -6.01 14.54 8.82
N PRO A 143 -4.75 14.17 8.60
CA PRO A 143 -4.11 14.46 7.31
C PRO A 143 -4.80 13.74 6.17
N ASP A 144 -4.65 14.30 4.98
CA ASP A 144 -5.29 13.73 3.80
C ASP A 144 -4.64 12.40 3.42
N LEU A 145 -5.44 11.53 2.80
CA LEU A 145 -4.96 10.23 2.34
C LEU A 145 -4.24 10.32 1.01
N THR A 146 -4.47 11.39 0.25
CA THR A 146 -3.86 11.57 -1.06
C THR A 146 -4.01 13.03 -1.46
N ILE A 147 -3.19 13.44 -2.42
CA ILE A 147 -3.25 14.80 -2.98
C ILE A 147 -3.10 14.69 -4.49
N ASN A 148 -3.80 15.56 -5.21
CA ASN A 148 -3.83 15.53 -6.67
C ASN A 148 -3.44 16.89 -7.22
N PHE A 149 -2.75 16.89 -8.35
CA PHE A 149 -2.35 18.10 -9.07
C PHE A 149 -2.90 18.00 -10.48
N THR A 150 -4.05 18.63 -10.72
CA THR A 150 -4.67 18.63 -12.04
C THR A 150 -4.18 19.84 -12.82
N MET A 151 -3.34 19.60 -13.82
CA MET A 151 -2.74 20.66 -14.62
C MET A 151 -3.46 20.78 -15.96
N ALA A 152 -3.73 22.01 -16.37
CA ALA A 152 -4.49 22.27 -17.59
C ALA A 152 -3.58 22.16 -18.81
N LEU A 153 -3.98 21.33 -19.76
CA LEU A 153 -3.33 21.28 -21.08
C LEU A 153 -4.02 22.21 -22.06
N THR A 154 -5.33 22.04 -22.24
CA THR A 154 -6.16 23.06 -22.84
C THR A 154 -6.65 24.02 -21.76
N GLU A 155 -7.32 25.08 -22.18
CA GLU A 155 -7.87 26.02 -21.22
C GLU A 155 -9.09 25.41 -20.52
N PHE A 156 -9.31 25.84 -19.28
CA PHE A 156 -10.41 25.35 -18.45
C PHE A 156 -11.43 26.48 -18.30
N THR A 157 -12.60 26.29 -18.89
CA THR A 157 -13.69 27.25 -18.79
C THR A 157 -14.92 26.59 -18.18
N VAL A 158 -15.91 27.41 -17.84
CA VAL A 158 -17.17 26.88 -17.34
C VAL A 158 -17.89 26.09 -18.44
N GLU A 159 -17.72 26.50 -19.70
CA GLU A 159 -18.51 25.93 -20.78
C GLU A 159 -17.93 24.62 -21.31
N ASN A 160 -16.60 24.49 -21.32
CA ASN A 160 -15.97 23.30 -21.88
C ASN A 160 -15.76 22.20 -20.85
N GLY A 161 -16.25 22.37 -19.63
CA GLY A 161 -16.16 21.35 -18.61
C GLY A 161 -15.03 21.48 -17.63
N GLY A 162 -14.59 22.70 -17.32
CA GLY A 162 -13.54 22.87 -16.33
C GLY A 162 -13.98 22.33 -14.97
N THR A 163 -13.01 21.79 -14.24
CA THR A 163 -13.29 21.19 -12.94
C THR A 163 -13.93 22.21 -12.01
N ARG A 164 -14.86 21.74 -11.19
CA ARG A 164 -15.54 22.57 -10.21
C ARG A 164 -15.30 22.03 -8.82
N VAL A 165 -15.06 22.94 -7.87
CA VAL A 165 -14.81 22.59 -6.49
C VAL A 165 -15.82 23.29 -5.60
N CYS A 166 -15.97 22.77 -4.39
CA CYS A 166 -16.78 23.39 -3.34
C CYS A 166 -15.84 23.64 -2.16
N PRO A 167 -15.20 24.82 -2.11
CA PRO A 167 -14.20 25.06 -1.07
C PRO A 167 -14.80 25.01 0.32
N GLY A 168 -14.07 24.37 1.24
CA GLY A 168 -14.52 24.15 2.59
C GLY A 168 -15.16 22.80 2.83
N SER A 169 -15.57 22.10 1.76
CA SER A 169 -16.18 20.78 1.92
C SER A 169 -15.19 19.73 2.41
N HIS A 170 -13.89 20.02 2.40
CA HIS A 170 -12.90 19.10 2.96
C HIS A 170 -13.03 18.97 4.47
N LEU A 171 -13.75 19.87 5.12
CA LEU A 171 -13.94 19.83 6.56
C LEU A 171 -15.22 19.10 6.96
N TRP A 172 -15.99 18.61 6.01
CA TRP A 172 -17.22 17.89 6.32
C TRP A 172 -16.91 16.49 6.84
N GLU A 173 -17.85 15.94 7.60
CA GLU A 173 -17.67 14.63 8.19
C GLU A 173 -17.82 13.53 7.14
N ASN A 174 -17.54 12.30 7.56
CA ASN A 174 -17.52 11.18 6.63
C ASN A 174 -18.91 10.86 6.08
N GLY A 175 -19.95 11.17 6.82
CA GLY A 175 -21.31 10.90 6.40
C GLY A 175 -22.03 12.05 5.76
N HIS A 176 -21.38 13.19 5.57
CA HIS A 176 -22.04 14.35 5.01
C HIS A 176 -22.38 14.12 3.54
N ALA A 177 -23.53 14.63 3.12
CA ALA A 177 -23.98 14.45 1.76
C ALA A 177 -23.10 15.22 0.78
N SER A 178 -23.07 14.76 -0.46
CA SER A 178 -22.32 15.44 -1.49
C SER A 178 -22.90 16.83 -1.74
N PRO A 179 -22.06 17.80 -2.10
CA PRO A 179 -22.56 19.13 -2.41
C PRO A 179 -23.51 19.12 -3.59
N ALA A 180 -24.52 19.97 -3.50
CA ALA A 180 -25.43 20.22 -4.61
C ALA A 180 -24.68 20.90 -5.74
N GLU A 181 -25.31 20.92 -6.93
CA GLU A 181 -24.66 21.48 -8.11
C GLU A 181 -24.46 22.99 -7.96
N GLU A 182 -25.37 23.66 -7.24
CA GLU A 182 -25.30 25.11 -7.11
C GLU A 182 -24.16 25.59 -6.22
N ASP A 183 -23.65 24.75 -5.33
CA ASP A 183 -22.54 25.22 -4.51
C ASP A 183 -21.18 24.85 -5.10
N MET A 184 -21.14 24.34 -6.33
CA MET A 184 -19.87 24.09 -7.00
C MET A 184 -19.38 25.37 -7.67
N VAL A 185 -18.09 25.63 -7.54
CA VAL A 185 -17.44 26.82 -8.10
C VAL A 185 -16.53 26.36 -9.23
N PRO A 186 -16.76 26.78 -10.47
CA PRO A 186 -15.91 26.36 -11.58
C PRO A 186 -14.51 26.95 -11.46
N VAL A 187 -13.52 26.15 -11.85
CA VAL A 187 -12.12 26.56 -11.81
C VAL A 187 -11.70 26.97 -13.22
N LEU A 188 -11.32 28.23 -13.38
CA LEU A 188 -10.93 28.78 -14.66
C LEU A 188 -9.40 28.79 -14.74
N MET A 189 -8.86 27.99 -15.65
CA MET A 189 -7.42 27.81 -15.76
C MET A 189 -6.97 27.91 -17.22
N GLN A 190 -5.86 28.61 -17.43
CA GLN A 190 -5.18 28.65 -18.70
C GLN A 190 -4.19 27.50 -18.79
N PRO A 191 -3.72 27.14 -20.01
CA PRO A 191 -2.72 26.08 -20.13
C PRO A 191 -1.47 26.38 -19.32
N GLY A 192 -1.26 25.62 -18.24
CA GLY A 192 -0.12 25.84 -17.36
C GLY A 192 -0.52 25.88 -15.90
N ASP A 193 -1.69 26.44 -15.61
CA ASP A 193 -2.17 26.49 -14.23
C ASP A 193 -2.50 25.09 -13.74
N ALA A 194 -2.51 24.94 -12.42
CA ALA A 194 -2.78 23.66 -11.78
C ALA A 194 -3.77 23.83 -10.63
N LEU A 195 -4.66 22.85 -10.49
CA LEU A 195 -5.62 22.80 -9.41
C LEU A 195 -5.15 21.78 -8.37
N ILE A 196 -4.99 22.23 -7.14
CA ILE A 196 -4.52 21.37 -6.05
C ILE A 196 -5.74 20.76 -5.37
N LEU A 197 -5.87 19.43 -5.47
CA LEU A 197 -7.03 18.72 -4.95
C LEU A 197 -6.61 17.71 -3.89
N PRO A 198 -6.72 18.04 -2.61
CA PRO A 198 -6.61 17.01 -1.57
C PRO A 198 -7.73 15.98 -1.72
N GLY A 199 -7.48 14.78 -1.18
CA GLY A 199 -8.43 13.69 -1.31
C GLY A 199 -9.77 13.95 -0.63
N SER A 200 -9.85 14.97 0.22
CA SER A 200 -11.08 15.28 0.96
C SER A 200 -11.96 16.29 0.26
N MET A 201 -11.47 16.96 -0.78
CA MET A 201 -12.24 18.01 -1.45
C MET A 201 -13.26 17.40 -2.40
N TRP A 202 -14.52 17.79 -2.24
CA TRP A 202 -15.56 17.37 -3.17
C TRP A 202 -15.43 18.15 -4.47
N HIS A 203 -15.39 17.43 -5.59
CA HIS A 203 -15.20 18.07 -6.89
C HIS A 203 -15.78 17.18 -7.97
N SER A 204 -15.82 17.72 -9.19
CA SER A 204 -16.32 16.99 -10.35
C SER A 204 -15.95 17.76 -11.60
N ALA A 205 -15.95 17.06 -12.73
CA ALA A 205 -15.74 17.68 -14.02
C ALA A 205 -17.07 18.21 -14.57
N GLY A 206 -17.01 19.37 -15.22
CA GLY A 206 -18.20 19.95 -15.81
C GLY A 206 -18.52 19.34 -17.16
N ALA A 207 -19.67 19.76 -17.69
CA ALA A 207 -20.09 19.32 -19.01
C ALA A 207 -19.35 20.10 -20.09
N ASN A 208 -18.88 19.39 -21.12
CA ASN A 208 -18.20 20.03 -22.25
C ASN A 208 -19.26 20.45 -23.25
N ARG A 209 -19.82 21.64 -23.04
CA ARG A 209 -20.84 22.20 -23.91
C ARG A 209 -20.25 23.07 -25.00
N THR A 210 -19.01 22.82 -25.40
CA THR A 210 -18.35 23.56 -26.47
C THR A 210 -18.01 22.61 -27.62
N SER A 211 -17.47 23.20 -28.69
CA SER A 211 -17.07 22.41 -29.85
C SER A 211 -15.72 21.74 -29.69
N GLU A 212 -14.98 22.03 -28.62
CA GLU A 212 -13.64 21.50 -28.47
C GLU A 212 -13.53 20.65 -27.22
N TYR A 213 -12.52 19.78 -27.22
CA TYR A 213 -12.24 18.96 -26.06
C TYR A 213 -11.48 19.75 -25.01
N ARG A 214 -11.74 19.42 -23.75
CA ARG A 214 -11.03 20.00 -22.62
C ARG A 214 -10.15 18.91 -22.03
N ARG A 215 -8.84 19.09 -22.14
CA ARG A 215 -7.89 18.08 -21.69
C ARG A 215 -6.97 18.66 -20.63
N GLY A 216 -6.77 17.89 -19.56
CA GLY A 216 -5.73 18.14 -18.60
C GLY A 216 -5.03 16.83 -18.26
N PHE A 217 -4.09 16.91 -17.33
CA PHE A 217 -3.40 15.72 -16.85
C PHE A 217 -3.00 15.94 -15.40
N ALA A 218 -2.98 14.85 -14.64
CA ALA A 218 -2.88 14.92 -13.19
C ALA A 218 -1.72 14.09 -12.68
N THR A 219 -1.20 14.50 -11.52
CA THR A 219 -0.25 13.72 -10.74
C THR A 219 -0.80 13.60 -9.32
N SER A 220 -0.69 12.41 -8.74
CA SER A 220 -1.20 12.17 -7.40
C SER A 220 -0.14 11.46 -6.56
N PHE A 221 -0.06 11.86 -5.29
CA PHE A 221 0.86 11.27 -4.33
C PHE A 221 0.13 10.93 -3.05
N HIS A 222 0.62 9.91 -2.35
CA HIS A 222 0.00 9.44 -1.11
C HIS A 222 1.09 8.85 -0.23
N PRO A 223 0.79 8.65 1.08
CA PRO A 223 1.82 8.17 2.01
C PRO A 223 2.56 6.91 1.60
N CYS A 224 3.75 6.72 2.18
CA CYS A 224 4.59 5.59 1.79
C CYS A 224 3.93 4.26 2.08
N HIS A 225 3.06 4.20 3.08
CA HIS A 225 2.49 2.94 3.53
C HIS A 225 1.24 2.53 2.75
N PHE A 226 0.85 3.27 1.73
CA PHE A 226 -0.33 2.97 0.93
C PHE A 226 0.09 2.45 -0.44
N THR A 227 -0.61 1.43 -0.92
CA THR A 227 -0.29 0.85 -2.21
C THR A 227 -0.76 1.79 -3.33
N PRO A 228 0.12 2.15 -4.27
CA PRO A 228 -0.30 3.06 -5.34
C PRO A 228 -1.27 2.39 -6.30
N ILE A 229 -2.12 3.21 -6.91
CA ILE A 229 -3.04 2.69 -7.92
C ILE A 229 -2.31 2.24 -9.17
N GLU A 230 -1.07 2.68 -9.36
CA GLU A 230 -0.28 2.35 -10.53
C GLU A 230 1.09 1.85 -10.10
N SER A 231 1.48 0.68 -10.60
CA SER A 231 2.84 0.21 -10.47
C SER A 231 3.65 0.62 -11.70
N HIS A 232 4.98 0.63 -11.54
CA HIS A 232 5.86 1.08 -12.61
C HIS A 232 7.01 0.12 -12.89
N HIS A 233 6.95 -1.11 -12.38
CA HIS A 233 8.03 -2.07 -12.60
C HIS A 233 7.89 -2.82 -13.93
N HIS A 234 6.84 -2.53 -14.70
CA HIS A 234 6.71 -2.99 -16.07
C HIS A 234 7.43 -2.08 -17.05
N LEU A 235 7.94 -0.95 -16.59
CA LEU A 235 8.66 -0.03 -17.47
C LEU A 235 10.01 -0.63 -17.85
N PRO A 236 10.55 -0.26 -19.01
CA PRO A 236 11.89 -0.72 -19.38
C PRO A 236 12.93 -0.22 -18.37
N ARG A 237 14.00 -1.00 -18.23
CA ARG A 237 15.00 -0.67 -17.22
C ARG A 237 15.81 0.55 -17.61
N GLU A 238 16.10 0.71 -18.90
CA GLU A 238 16.75 1.93 -19.36
C GLU A 238 15.90 3.16 -19.07
N MET A 239 14.58 2.98 -18.99
CA MET A 239 13.70 4.10 -18.63
C MET A 239 13.80 4.42 -17.14
N VAL A 240 14.12 3.43 -16.31
CA VAL A 240 14.25 3.67 -14.88
C VAL A 240 15.60 4.33 -14.57
N GLU A 241 16.65 3.93 -15.29
CA GLU A 241 17.98 4.48 -15.04
C GLU A 241 18.10 5.94 -15.43
N GLU A 242 17.18 6.45 -16.27
CA GLU A 242 17.20 7.85 -16.66
C GLU A 242 16.43 8.74 -15.69
N MET A 243 15.74 8.17 -14.71
CA MET A 243 15.02 8.96 -13.72
C MET A 243 15.98 9.51 -12.68
N THR A 244 15.58 10.64 -12.08
CA THR A 244 16.31 11.15 -10.93
C THR A 244 16.07 10.24 -9.72
N PRO A 245 16.99 10.27 -8.74
CA PRO A 245 16.75 9.47 -7.52
C PRO A 245 15.42 9.77 -6.85
N LEU A 246 14.95 11.02 -6.92
CA LEU A 246 13.64 11.35 -6.36
C LEU A 246 12.52 10.65 -7.13
N VAL A 247 12.59 10.64 -8.46
CA VAL A 247 11.56 10.01 -9.26
C VAL A 247 11.62 8.49 -9.12
N GLN A 248 12.83 7.93 -9.07
CA GLN A 248 12.98 6.49 -8.84
C GLN A 248 12.35 6.07 -7.53
N LYS A 249 12.43 6.93 -6.51
CA LYS A 249 11.74 6.67 -5.24
C LYS A 249 10.25 6.92 -5.35
N MET A 250 9.85 7.91 -6.16
CA MET A 250 8.42 8.17 -6.37
C MET A 250 7.73 6.98 -7.02
N LEU A 251 8.40 6.34 -7.98
CA LEU A 251 7.79 5.30 -8.79
C LEU A 251 8.06 3.89 -8.26
N GLY A 252 8.50 3.76 -7.02
CA GLY A 252 8.55 2.47 -6.35
C GLY A 252 9.82 1.66 -6.52
N PHE A 253 10.93 2.28 -6.90
CA PHE A 253 12.18 1.56 -7.11
C PHE A 253 13.17 1.73 -5.97
N ARG A 254 12.76 2.34 -4.86
CA ARG A 254 13.65 2.58 -3.73
C ARG A 254 12.92 2.32 -2.44
N THR A 255 13.69 2.07 -1.38
CA THR A 255 13.12 1.80 -0.08
C THR A 255 12.52 3.06 0.53
N LEU A 256 11.33 2.93 1.09
CA LEU A 256 10.63 4.05 1.71
C LEU A 256 10.86 4.05 3.22
N ASN A 257 10.83 5.24 3.80
CA ASN A 257 11.08 5.44 5.23
C ASN A 257 9.81 5.96 5.88
N LEU A 258 9.32 5.24 6.88
CA LEU A 258 8.18 5.71 7.66
C LEU A 258 8.63 6.82 8.62
N HIS A 259 7.66 7.40 9.33
CA HIS A 259 7.96 8.52 10.21
C HIS A 259 8.86 8.10 11.36
N ASN A 260 8.63 6.91 11.93
CA ASN A 260 9.48 6.38 13.00
C ASN A 260 10.69 5.63 12.47
N ASN A 261 11.14 5.95 11.26
CA ASN A 261 12.36 5.38 10.68
C ASN A 261 12.27 3.86 10.55
N VAL A 262 11.12 3.38 10.08
CA VAL A 262 10.91 1.97 9.78
C VAL A 262 10.85 1.83 8.26
N LYS A 263 11.61 0.89 7.73
CA LYS A 263 11.68 0.68 6.29
C LYS A 263 10.46 -0.07 5.79
N VAL A 264 9.92 0.38 4.65
CA VAL A 264 8.86 -0.31 3.93
C VAL A 264 9.25 -0.37 2.46
N TRP A 265 8.66 -1.32 1.74
CA TRP A 265 9.00 -1.58 0.35
C TRP A 265 10.50 -1.78 0.18
N LYS A 266 11.05 -2.59 1.08
CA LYS A 266 12.50 -2.79 1.18
C LYS A 266 12.96 -4.03 0.45
N PRO B 2 -10.72 -14.92 28.05
CA PRO B 2 -10.11 -15.60 26.91
C PRO B 2 -8.87 -16.40 27.31
N GLN B 3 -8.46 -17.35 26.46
CA GLN B 3 -7.32 -18.20 26.76
C GLN B 3 -6.64 -18.58 25.45
N LEU B 4 -5.46 -19.18 25.59
CA LEU B 4 -4.69 -19.64 24.44
C LEU B 4 -5.16 -21.03 24.04
N HIS B 5 -5.63 -21.17 22.81
CA HIS B 5 -6.21 -22.43 22.33
C HIS B 5 -5.23 -23.16 21.42
N TYR B 6 -5.18 -24.48 21.59
CA TYR B 6 -4.41 -25.37 20.72
C TYR B 6 -5.40 -26.26 19.97
N VAL B 7 -5.50 -26.07 18.66
CA VAL B 7 -6.50 -26.78 17.87
C VAL B 7 -5.79 -27.68 16.85
N PRO B 8 -6.40 -28.81 16.49
CA PRO B 8 -5.79 -29.67 15.47
C PRO B 8 -5.91 -29.06 14.08
N TYR B 9 -5.25 -29.70 13.12
CA TYR B 9 -5.19 -29.17 11.76
C TYR B 9 -6.55 -29.20 11.08
N ASP B 10 -7.41 -30.15 11.43
CA ASP B 10 -8.71 -30.31 10.80
C ASP B 10 -9.80 -29.50 11.48
N THR B 11 -9.44 -28.51 12.28
CA THR B 11 -10.43 -27.67 12.94
C THR B 11 -11.21 -26.88 11.89
N PRO B 12 -12.54 -26.83 11.98
CA PRO B 12 -13.32 -26.08 10.98
C PRO B 12 -12.89 -24.62 10.92
N VAL B 13 -13.07 -24.02 9.74
CA VAL B 13 -12.61 -22.65 9.51
C VAL B 13 -13.39 -21.67 10.38
N GLU B 14 -14.71 -21.85 10.49
CA GLU B 14 -15.50 -20.94 11.30
C GLU B 14 -15.13 -21.03 12.78
N ASP B 15 -14.67 -22.20 13.23
CA ASP B 15 -14.19 -22.32 14.60
C ASP B 15 -12.89 -21.55 14.79
N VAL B 16 -11.97 -21.65 13.82
CA VAL B 16 -10.71 -20.91 13.91
C VAL B 16 -10.96 -19.42 13.90
N MET B 17 -11.88 -18.95 13.05
CA MET B 17 -12.17 -17.53 12.98
C MET B 17 -12.84 -17.03 14.27
N ARG B 18 -13.70 -17.86 14.86
CA ARG B 18 -14.36 -17.48 16.11
C ARG B 18 -13.36 -17.42 17.25
N ILE B 19 -12.42 -18.37 17.30
CA ILE B 19 -11.37 -18.33 18.32
C ILE B 19 -10.48 -17.11 18.12
N LEU B 20 -10.18 -16.77 16.86
CA LEU B 20 -9.38 -15.58 16.57
C LEU B 20 -10.08 -14.32 17.06
N LYS B 21 -11.41 -14.26 16.93
CA LYS B 21 -12.13 -13.06 17.32
C LYS B 21 -12.25 -12.94 18.83
N GLU B 22 -12.41 -14.07 19.52
CA GLU B 22 -12.63 -14.03 20.96
C GLU B 22 -11.33 -13.98 21.77
N SER B 23 -10.26 -14.61 21.29
CA SER B 23 -9.01 -14.67 22.03
C SER B 23 -7.88 -13.88 21.38
N GLY B 24 -7.99 -13.54 20.11
CA GLY B 24 -6.96 -12.77 19.43
C GLY B 24 -5.74 -13.54 19.01
N THR B 25 -5.72 -14.86 19.24
CA THR B 25 -4.61 -15.71 18.85
C THR B 25 -5.01 -17.16 19.10
N LEU B 26 -4.27 -18.07 18.47
CA LEU B 26 -4.46 -19.51 18.66
C LEU B 26 -3.26 -20.21 18.04
N VAL B 27 -3.22 -21.53 18.20
CA VAL B 27 -2.14 -22.37 17.68
C VAL B 27 -2.77 -23.51 16.90
N ILE B 28 -2.39 -23.66 15.64
CA ILE B 28 -2.81 -24.78 14.81
C ILE B 28 -1.67 -25.78 14.79
N ARG B 29 -1.87 -26.92 15.47
CA ARG B 29 -0.84 -27.94 15.52
C ARG B 29 -0.73 -28.67 14.19
N ASN B 30 0.48 -29.11 13.89
CA ASN B 30 0.78 -29.81 12.62
C ASN B 30 0.41 -28.94 11.42
N PHE B 31 0.62 -27.62 11.55
CA PHE B 31 0.39 -26.70 10.45
C PHE B 31 1.21 -27.10 9.23
N LEU B 32 2.48 -27.43 9.45
CA LEU B 32 3.35 -28.01 8.44
C LEU B 32 3.82 -29.37 8.93
N ASP B 33 4.11 -30.26 7.98
CA ASP B 33 4.70 -31.54 8.34
C ASP B 33 6.16 -31.34 8.72
N GLN B 34 6.80 -32.43 9.18
CA GLN B 34 8.18 -32.31 9.64
C GLN B 34 9.15 -32.12 8.49
N ASN B 35 8.94 -32.84 7.38
CA ASN B 35 9.85 -32.72 6.25
C ASN B 35 9.82 -31.34 5.63
N THR B 36 8.65 -30.67 5.63
CA THR B 36 8.60 -29.29 5.20
C THR B 36 9.41 -28.39 6.13
N VAL B 37 9.32 -28.64 7.43
CA VAL B 37 10.11 -27.89 8.40
C VAL B 37 11.61 -28.08 8.11
N GLN B 38 12.00 -29.31 7.76
CA GLN B 38 13.40 -29.59 7.48
C GLN B 38 13.84 -28.94 6.17
N LYS B 39 12.95 -28.94 5.16
CA LYS B 39 13.33 -28.42 3.85
C LYS B 39 13.63 -26.93 3.90
N VAL B 40 12.85 -26.17 4.68
CA VAL B 40 13.04 -24.73 4.73
C VAL B 40 14.38 -24.39 5.38
N GLN B 41 14.73 -25.10 6.45
CA GLN B 41 16.01 -24.86 7.10
C GLN B 41 17.17 -25.29 6.21
N ASP B 42 16.99 -26.38 5.46
CA ASP B 42 18.05 -26.85 4.56
C ASP B 42 18.35 -25.82 3.49
N GLU B 43 17.31 -25.28 2.84
CA GLU B 43 17.53 -24.35 1.74
C GLU B 43 18.07 -23.02 2.24
N VAL B 44 17.65 -22.58 3.44
CA VAL B 44 18.17 -21.34 4.00
C VAL B 44 19.63 -21.51 4.40
N ASP B 45 19.96 -22.64 5.04
CA ASP B 45 21.35 -22.90 5.43
C ASP B 45 22.26 -22.96 4.21
N ASP B 46 21.80 -23.59 3.13
CA ASP B 46 22.60 -23.69 1.92
C ASP B 46 22.79 -22.33 1.25
N TYR B 47 21.84 -21.41 1.45
CA TYR B 47 21.96 -20.09 0.84
C TYR B 47 22.99 -19.23 1.58
N VAL B 48 22.75 -18.97 2.86
CA VAL B 48 23.60 -18.04 3.61
C VAL B 48 24.95 -18.64 3.98
N ARG B 49 25.18 -19.93 3.72
CA ARG B 49 26.46 -20.57 4.03
C ARG B 49 26.81 -21.53 2.89
N ASN B 50 27.73 -21.11 2.03
CA ASN B 50 28.25 -21.99 0.99
C ASN B 50 29.32 -22.93 1.53
N TRP B 51 29.90 -22.62 2.68
CA TRP B 51 30.94 -23.44 3.30
C TRP B 51 30.55 -23.76 4.73
N ASN B 52 30.78 -25.01 5.14
CA ASN B 52 30.53 -25.43 6.50
C ASN B 52 31.78 -26.09 7.05
N PRO B 53 32.11 -25.83 8.32
CA PRO B 53 33.37 -26.36 8.87
C PRO B 53 33.38 -27.88 8.92
N GLY B 54 34.43 -28.47 8.38
CA GLY B 54 34.61 -29.90 8.40
C GLY B 54 35.19 -30.38 9.71
N PRO B 55 35.51 -31.67 9.80
CA PRO B 55 36.07 -32.18 11.06
C PRO B 55 37.45 -31.63 11.35
N LYS B 56 38.29 -31.49 10.33
CA LYS B 56 39.63 -30.96 10.49
C LYS B 56 39.97 -30.07 9.31
N TYR B 57 41.08 -29.37 9.42
CA TYR B 57 41.53 -28.49 8.34
C TYR B 57 41.91 -29.31 7.12
N ASN B 58 41.36 -28.95 5.98
CA ASN B 58 41.61 -29.67 4.73
C ASN B 58 42.68 -28.97 3.90
N SER B 66 31.23 -15.49 -1.14
CA SER B 66 31.51 -16.81 -1.68
C SER B 66 31.53 -17.86 -0.57
N LYS B 67 32.14 -17.51 0.56
CA LYS B 67 32.12 -18.40 1.71
C LYS B 67 30.78 -18.35 2.43
N THR B 68 30.24 -17.15 2.63
CA THR B 68 28.92 -16.95 3.21
C THR B 68 28.14 -15.97 2.35
N LYS B 69 26.88 -15.75 2.71
CA LYS B 69 26.04 -14.79 2.00
C LYS B 69 25.08 -14.15 3.01
N GLN B 70 24.90 -12.84 2.87
CA GLN B 70 23.96 -12.14 3.73
C GLN B 70 22.53 -12.62 3.43
N PRO B 71 21.72 -12.83 4.47
CA PRO B 71 20.37 -13.35 4.23
C PRO B 71 19.51 -12.35 3.47
N SER B 72 18.66 -12.89 2.59
CA SER B 72 17.76 -12.05 1.81
C SER B 72 16.31 -12.44 2.09
N ASN B 73 15.43 -12.24 1.09
CA ASN B 73 14.03 -12.59 1.25
C ASN B 73 13.87 -14.10 1.38
N LEU B 74 12.88 -14.50 2.18
CA LEU B 74 12.64 -15.92 2.40
C LEU B 74 12.19 -16.62 1.12
N SER B 75 11.42 -15.92 0.29
CA SER B 75 11.03 -16.50 -0.98
C SER B 75 12.22 -16.66 -1.91
N LEU B 76 13.24 -15.82 -1.78
CA LEU B 76 14.42 -15.96 -2.62
C LEU B 76 15.27 -17.15 -2.19
N MET B 77 15.53 -17.28 -0.89
CA MET B 77 16.44 -18.31 -0.41
C MET B 77 15.80 -19.69 -0.43
N SER B 78 14.51 -19.77 -0.12
CA SER B 78 13.80 -21.03 0.05
C SER B 78 12.81 -21.24 -1.08
N LYS B 79 13.04 -22.25 -1.91
CA LYS B 79 12.10 -22.56 -2.98
C LYS B 79 10.86 -23.26 -2.44
N THR B 80 11.00 -24.04 -1.37
CA THR B 80 9.83 -24.62 -0.72
C THR B 80 8.95 -23.54 -0.11
N TYR B 81 9.54 -22.45 0.34
CA TYR B 81 8.77 -21.34 0.90
C TYR B 81 7.92 -20.68 -0.17
N ARG B 82 8.54 -20.33 -1.30
CA ARG B 82 7.84 -19.56 -2.32
C ARG B 82 6.92 -20.42 -3.19
N CYS B 83 7.14 -21.74 -3.23
CA CYS B 83 6.33 -22.61 -4.06
C CYS B 83 5.39 -23.53 -3.30
N GLU B 84 5.63 -23.75 -2.01
CA GLU B 84 4.78 -24.62 -1.20
C GLU B 84 4.22 -23.91 0.03
N VAL B 85 5.07 -23.28 0.83
CA VAL B 85 4.62 -22.67 2.07
C VAL B 85 3.66 -21.51 1.78
N LEU B 86 4.00 -20.65 0.81
CA LEU B 86 3.16 -19.51 0.50
C LEU B 86 1.85 -19.91 -0.16
N ASN B 87 1.68 -21.17 -0.52
CA ASN B 87 0.42 -21.69 -1.04
C ASN B 87 -0.40 -22.39 0.03
N HIS B 88 -0.08 -22.18 1.31
CA HIS B 88 -0.76 -22.88 2.39
C HIS B 88 -2.24 -22.52 2.39
N PRO B 89 -3.14 -23.51 2.28
CA PRO B 89 -4.58 -23.18 2.23
C PRO B 89 -5.11 -22.57 3.51
N TRP B 90 -4.51 -22.90 4.67
CA TRP B 90 -4.98 -22.33 5.92
C TRP B 90 -4.74 -20.83 5.97
N MET B 91 -3.53 -20.39 5.60
CA MET B 91 -3.23 -18.96 5.60
C MET B 91 -4.18 -18.19 4.69
N HIS B 92 -4.45 -18.73 3.50
CA HIS B 92 -5.28 -18.01 2.55
C HIS B 92 -6.74 -18.02 2.98
N ALA B 93 -7.20 -19.10 3.60
CA ALA B 93 -8.57 -19.14 4.12
C ALA B 93 -8.74 -18.14 5.26
N ILE B 94 -7.72 -18.03 6.13
CA ILE B 94 -7.80 -17.08 7.23
C ILE B 94 -7.66 -15.65 6.71
N CYS B 95 -6.78 -15.44 5.73
CA CYS B 95 -6.60 -14.09 5.20
C CYS B 95 -7.84 -13.62 4.45
N GLU B 96 -8.51 -14.52 3.74
CA GLU B 96 -9.72 -14.16 3.01
C GLU B 96 -10.84 -13.75 3.96
N ARG B 97 -11.03 -14.52 5.03
CA ARG B 97 -12.07 -14.19 6.01
C ARG B 97 -11.73 -12.94 6.82
N MET B 98 -10.45 -12.61 6.95
CA MET B 98 -10.04 -11.47 7.76
C MET B 98 -10.03 -10.16 6.97
N PHE B 99 -9.65 -10.19 5.70
CA PHE B 99 -9.49 -8.98 4.91
C PHE B 99 -10.47 -8.84 3.76
N GLY B 100 -11.04 -9.94 3.28
CA GLY B 100 -11.94 -9.92 2.14
C GLY B 100 -13.11 -8.96 2.26
N PRO B 101 -13.96 -9.14 3.28
CA PRO B 101 -15.16 -8.30 3.40
C PRO B 101 -14.89 -6.81 3.51
N THR B 102 -13.79 -6.42 4.14
CA THR B 102 -13.46 -5.01 4.34
C THR B 102 -12.49 -4.47 3.29
N TYR B 103 -11.34 -5.12 3.13
CA TYR B 103 -10.30 -4.68 2.20
C TYR B 103 -10.36 -5.37 0.86
N GLY B 104 -10.81 -6.61 0.82
CA GLY B 104 -10.78 -7.37 -0.42
C GLY B 104 -9.57 -8.25 -0.60
N ASP B 105 -8.68 -7.84 -1.48
CA ASP B 105 -7.47 -8.59 -1.73
C ASP B 105 -6.44 -8.30 -0.64
N TYR B 106 -5.48 -9.23 -0.51
CA TYR B 106 -4.37 -9.13 0.43
C TYR B 106 -3.11 -9.61 -0.27
N TRP B 107 -1.96 -9.37 0.37
CA TRP B 107 -0.71 -9.86 -0.17
C TRP B 107 0.36 -9.90 0.92
N PHE B 108 1.52 -10.46 0.54
CA PHE B 108 2.59 -10.77 1.48
C PHE B 108 3.19 -9.48 2.06
N ASN B 109 3.19 -9.38 3.38
CA ASN B 109 3.74 -8.22 4.06
C ASN B 109 5.23 -8.39 4.36
N GLY B 110 5.60 -9.49 4.99
CA GLY B 110 6.99 -9.74 5.31
C GLY B 110 7.14 -11.08 5.99
N GLY B 111 8.39 -11.56 6.02
CA GLY B 111 8.70 -12.83 6.63
C GLY B 111 10.19 -13.08 6.77
N SER B 112 10.58 -13.80 7.80
CA SER B 112 11.99 -14.08 8.05
C SER B 112 12.10 -15.31 8.94
N ILE B 113 13.33 -15.75 9.20
CA ILE B 113 13.62 -16.91 10.01
C ILE B 113 13.90 -16.44 11.43
N LEU B 114 13.13 -16.94 12.39
CA LEU B 114 13.37 -16.61 13.78
C LEU B 114 14.59 -17.37 14.29
N HIS B 115 15.52 -16.65 14.91
CA HIS B 115 16.73 -17.25 15.47
C HIS B 115 17.00 -16.57 16.81
N LEU B 116 16.57 -17.20 17.89
CA LEU B 116 16.84 -16.72 19.25
C LEU B 116 18.13 -17.36 19.73
N GLU B 117 19.18 -16.55 19.89
CA GLU B 117 20.48 -17.07 20.30
C GLU B 117 20.43 -17.57 21.74
N PRO B 118 21.33 -18.48 22.11
CA PRO B 118 21.45 -18.85 23.52
C PRO B 118 21.86 -17.64 24.36
N GLY B 119 21.14 -17.44 25.46
CA GLY B 119 21.37 -16.29 26.30
C GLY B 119 20.70 -15.01 25.87
N GLU B 120 19.91 -15.04 24.81
CA GLU B 120 19.22 -13.84 24.35
C GLU B 120 18.14 -13.43 25.36
N ASN B 121 18.08 -12.14 25.64
CA ASN B 121 17.15 -11.64 26.64
C ASN B 121 15.74 -11.51 26.06
N THR B 122 14.80 -11.16 26.93
CA THR B 122 13.39 -11.12 26.55
C THR B 122 13.11 -9.94 25.63
N GLN B 123 12.35 -10.21 24.57
CA GLN B 123 11.94 -9.16 23.64
C GLN B 123 10.86 -8.29 24.27
N PRO B 124 10.87 -6.99 23.98
CA PRO B 124 9.79 -6.12 24.49
C PRO B 124 8.42 -6.55 23.99
N ILE B 125 7.42 -6.47 24.87
CA ILE B 125 6.06 -6.81 24.50
C ILE B 125 5.49 -5.72 23.61
N HIS B 126 4.85 -6.13 22.51
CA HIS B 126 4.43 -5.18 21.49
C HIS B 126 3.31 -5.78 20.67
N GLN B 127 2.63 -4.91 19.93
CA GLN B 127 1.71 -5.29 18.88
C GLN B 127 2.40 -5.13 17.54
N ASP B 128 2.04 -6.00 16.59
CA ASP B 128 2.69 -5.97 15.28
C ASP B 128 2.25 -4.79 14.42
N HIS B 129 1.07 -4.25 14.66
CA HIS B 129 0.56 -3.15 13.84
C HIS B 129 0.98 -1.78 14.37
N VAL B 130 2.05 -1.72 15.16
CA VAL B 130 2.49 -0.45 15.73
C VAL B 130 3.04 0.46 14.63
N PHE B 131 3.72 -0.10 13.64
CA PHE B 131 4.31 0.69 12.58
C PHE B 131 3.30 1.15 11.55
N TYR B 132 2.01 0.87 11.74
CA TYR B 132 0.95 1.44 10.91
C TYR B 132 0.47 2.73 11.57
N GLN B 133 0.58 3.85 10.84
CA GLN B 133 0.08 5.11 11.38
C GLN B 133 -1.43 5.09 11.52
N ILE B 134 -2.13 4.37 10.65
CA ILE B 134 -3.59 4.29 10.70
C ILE B 134 -4.09 3.41 11.83
N SER B 135 -3.19 2.82 12.62
CA SER B 135 -3.63 2.07 13.80
C SER B 135 -4.21 2.98 14.87
N LYS B 136 -3.84 4.26 14.87
CA LYS B 136 -4.43 5.20 15.82
C LYS B 136 -5.89 5.48 15.49
N TRP B 137 -6.26 5.37 14.21
CA TRP B 137 -7.65 5.56 13.82
C TRP B 137 -8.50 4.32 14.07
N ARG B 138 -7.87 3.15 14.17
CA ARG B 138 -8.59 1.89 14.22
C ARG B 138 -9.14 1.62 15.62
N ARG B 139 -10.34 1.03 15.66
CA ARG B 139 -11.04 0.58 16.86
C ARG B 139 -10.81 -0.91 17.06
N PRO B 140 -10.90 -1.40 18.30
CA PRO B 140 -10.63 -2.83 18.56
C PRO B 140 -11.57 -3.77 17.82
N THR B 141 -12.74 -3.31 17.40
CA THR B 141 -13.69 -4.15 16.68
C THR B 141 -13.49 -4.11 15.17
N ASP B 142 -12.58 -3.28 14.67
CA ASP B 142 -12.27 -3.24 13.26
C ASP B 142 -11.42 -4.43 12.85
N PRO B 143 -11.44 -4.80 11.57
CA PRO B 143 -10.54 -5.87 11.10
C PRO B 143 -9.08 -5.52 11.33
N ASP B 144 -8.26 -6.56 11.43
CA ASP B 144 -6.85 -6.37 11.71
C ASP B 144 -6.14 -5.75 10.50
N LEU B 145 -5.04 -5.04 10.79
CA LEU B 145 -4.23 -4.43 9.75
C LEU B 145 -3.23 -5.40 9.13
N THR B 146 -2.92 -6.48 9.83
CA THR B 146 -1.96 -7.48 9.34
C THR B 146 -2.10 -8.72 10.22
N ILE B 147 -1.64 -9.85 9.68
CA ILE B 147 -1.68 -11.12 10.40
C ILE B 147 -0.39 -11.87 10.12
N ASN B 148 0.16 -12.50 11.16
CA ASN B 148 1.42 -13.21 11.08
C ASN B 148 1.22 -14.67 11.46
N PHE B 149 1.80 -15.56 10.65
CA PHE B 149 1.81 -16.99 10.93
C PHE B 149 3.23 -17.36 11.34
N THR B 150 3.41 -17.72 12.60
CA THR B 150 4.73 -18.04 13.15
C THR B 150 4.86 -19.54 13.27
N MET B 151 5.64 -20.14 12.38
CA MET B 151 5.86 -21.58 12.35
C MET B 151 7.11 -21.93 13.14
N ALA B 152 7.06 -23.05 13.86
CA ALA B 152 8.14 -23.47 14.72
C ALA B 152 9.06 -24.44 13.98
N LEU B 153 10.36 -24.15 14.00
CA LEU B 153 11.39 -25.03 13.47
C LEU B 153 11.92 -25.96 14.55
N THR B 154 12.30 -25.38 15.69
CA THR B 154 12.53 -26.13 16.91
C THR B 154 11.24 -26.22 17.70
N GLU B 155 11.30 -26.87 18.85
CA GLU B 155 10.20 -26.80 19.78
C GLU B 155 10.23 -25.46 20.49
N PHE B 156 9.04 -24.96 20.85
CA PHE B 156 8.91 -23.71 21.58
C PHE B 156 8.59 -24.05 23.03
N THR B 157 9.54 -23.80 23.92
CA THR B 157 9.37 -24.03 25.34
C THR B 157 9.50 -22.72 26.11
N VAL B 158 9.14 -22.78 27.39
CA VAL B 158 9.37 -21.62 28.25
C VAL B 158 10.87 -21.39 28.43
N GLU B 159 11.66 -22.46 28.36
CA GLU B 159 13.09 -22.35 28.65
C GLU B 159 13.84 -21.64 27.51
N ASN B 160 13.55 -22.03 26.27
CA ASN B 160 14.26 -21.48 25.11
C ASN B 160 13.62 -20.20 24.59
N GLY B 161 12.82 -19.52 25.40
CA GLY B 161 12.23 -18.26 24.98
C GLY B 161 11.13 -18.38 23.96
N GLY B 162 10.25 -19.37 24.11
CA GLY B 162 9.11 -19.49 23.22
C GLY B 162 8.22 -18.26 23.29
N THR B 163 7.49 -18.03 22.19
CA THR B 163 6.66 -16.84 22.08
C THR B 163 5.62 -16.80 23.20
N ARG B 164 5.39 -15.61 23.74
CA ARG B 164 4.37 -15.38 24.74
C ARG B 164 3.37 -14.36 24.20
N VAL B 165 2.09 -14.61 24.47
CA VAL B 165 1.02 -13.70 24.08
C VAL B 165 0.13 -13.46 25.30
N CYS B 166 -0.78 -12.50 25.15
CA CYS B 166 -1.76 -12.18 26.18
C CYS B 166 -3.15 -12.21 25.57
N PRO B 167 -3.86 -13.34 25.68
CA PRO B 167 -5.19 -13.42 25.04
C PRO B 167 -6.14 -12.37 25.58
N GLY B 168 -6.93 -11.79 24.67
CA GLY B 168 -7.84 -10.72 24.99
C GLY B 168 -7.26 -9.33 24.89
N SER B 169 -5.92 -9.21 24.86
CA SER B 169 -5.29 -7.90 24.74
C SER B 169 -5.54 -7.26 23.38
N HIS B 170 -5.95 -8.05 22.38
CA HIS B 170 -6.25 -7.49 21.07
C HIS B 170 -7.50 -6.62 21.08
N LEU B 171 -8.36 -6.78 22.08
CA LEU B 171 -9.56 -5.96 22.21
C LEU B 171 -9.31 -4.69 23.03
N TRP B 172 -8.09 -4.49 23.51
CA TRP B 172 -7.76 -3.26 24.23
C TRP B 172 -7.79 -2.06 23.28
N GLU B 173 -7.97 -0.88 23.87
CA GLU B 173 -7.97 0.34 23.08
C GLU B 173 -6.55 0.76 22.72
N ASN B 174 -6.45 1.78 21.87
CA ASN B 174 -5.16 2.18 21.33
C ASN B 174 -4.23 2.71 22.42
N GLY B 175 -4.76 3.38 23.42
CA GLY B 175 -3.95 3.93 24.49
C GLY B 175 -3.67 3.00 25.64
N HIS B 176 -4.02 1.72 25.51
CA HIS B 176 -3.82 0.77 26.61
C HIS B 176 -2.34 0.47 26.78
N ALA B 177 -1.91 0.40 28.04
CA ALA B 177 -0.52 0.10 28.35
C ALA B 177 -0.19 -1.35 28.00
N SER B 178 1.11 -1.63 27.91
CA SER B 178 1.55 -2.98 27.57
C SER B 178 1.20 -3.94 28.70
N PRO B 179 0.91 -5.19 28.37
CA PRO B 179 0.57 -6.17 29.41
C PRO B 179 1.73 -6.40 30.37
N ALA B 180 1.39 -6.81 31.59
CA ALA B 180 2.42 -7.13 32.56
C ALA B 180 3.11 -8.43 32.18
N GLU B 181 4.39 -8.55 32.57
CA GLU B 181 5.15 -9.76 32.28
C GLU B 181 4.53 -10.97 32.96
N GLU B 182 3.90 -10.77 34.12
CA GLU B 182 3.29 -11.88 34.86
C GLU B 182 2.10 -12.49 34.13
N ASP B 183 1.49 -11.76 33.19
CA ASP B 183 0.27 -12.20 32.53
C ASP B 183 0.51 -12.62 31.08
N MET B 184 1.77 -12.82 30.68
CA MET B 184 2.08 -13.31 29.35
C MET B 184 2.03 -14.83 29.35
N VAL B 185 1.33 -15.39 28.37
CA VAL B 185 1.08 -16.83 28.29
C VAL B 185 2.07 -17.42 27.29
N PRO B 186 2.99 -18.29 27.71
CA PRO B 186 3.95 -18.85 26.76
C PRO B 186 3.26 -19.81 25.79
N VAL B 187 3.71 -19.76 24.53
CA VAL B 187 3.19 -20.62 23.49
C VAL B 187 4.11 -21.83 23.37
N LEU B 188 3.64 -22.98 23.82
CA LEU B 188 4.42 -24.22 23.81
C LEU B 188 4.06 -24.99 22.54
N MET B 189 5.01 -25.07 21.61
CA MET B 189 4.79 -25.71 20.33
C MET B 189 5.89 -26.73 20.04
N GLN B 190 5.56 -27.66 19.16
CA GLN B 190 6.46 -28.63 18.53
C GLN B 190 6.71 -28.22 17.08
N PRO B 191 7.84 -28.61 16.49
CA PRO B 191 8.10 -28.25 15.09
C PRO B 191 6.95 -28.67 14.18
N GLY B 192 6.51 -27.74 13.34
CA GLY B 192 5.37 -27.93 12.46
C GLY B 192 4.14 -27.16 12.89
N ASP B 193 4.01 -26.89 14.19
CA ASP B 193 2.89 -26.11 14.69
C ASP B 193 3.08 -24.64 14.33
N ALA B 194 1.97 -23.91 14.29
CA ALA B 194 1.99 -22.50 13.94
C ALA B 194 1.16 -21.69 14.93
N LEU B 195 1.69 -20.53 15.30
CA LEU B 195 0.99 -19.57 16.14
C LEU B 195 0.46 -18.46 15.24
N ILE B 196 -0.85 -18.24 15.27
CA ILE B 196 -1.49 -17.23 14.44
C ILE B 196 -1.51 -15.93 15.23
N LEU B 197 -1.06 -14.84 14.61
CA LEU B 197 -0.67 -13.63 15.31
C LEU B 197 -1.24 -12.40 14.60
N PRO B 198 -2.48 -12.04 14.91
CA PRO B 198 -3.02 -10.77 14.39
C PRO B 198 -2.22 -9.59 14.93
N GLY B 199 -2.19 -8.53 14.14
CA GLY B 199 -1.44 -7.33 14.50
C GLY B 199 -1.92 -6.66 15.77
N SER B 200 -3.12 -7.00 16.25
CA SER B 200 -3.66 -6.41 17.47
C SER B 200 -3.18 -7.13 18.73
N MET B 201 -2.66 -8.34 18.59
CA MET B 201 -2.30 -9.16 19.75
C MET B 201 -0.95 -8.74 20.30
N TRP B 202 -0.91 -8.43 21.60
CA TRP B 202 0.35 -8.15 22.27
C TRP B 202 1.14 -9.44 22.45
N HIS B 203 2.43 -9.40 22.14
CA HIS B 203 3.26 -10.59 22.20
C HIS B 203 4.71 -10.18 22.31
N SER B 204 5.56 -11.17 22.61
CA SER B 204 7.00 -10.98 22.70
C SER B 204 7.68 -12.33 22.82
N ALA B 205 8.90 -12.41 22.31
CA ALA B 205 9.71 -13.61 22.48
C ALA B 205 10.39 -13.59 23.84
N GLY B 206 10.36 -14.73 24.52
CA GLY B 206 10.95 -14.83 25.84
C GLY B 206 12.47 -14.90 25.77
N ALA B 207 13.07 -14.96 26.96
CA ALA B 207 14.51 -15.08 27.07
C ALA B 207 14.92 -16.53 26.86
N ASN B 208 15.91 -16.76 26.00
CA ASN B 208 16.44 -18.10 25.75
C ASN B 208 17.49 -18.39 26.80
N ARG B 209 17.12 -19.16 27.82
CA ARG B 209 18.03 -19.55 28.88
C ARG B 209 18.67 -20.91 28.64
N THR B 210 18.51 -21.47 27.45
CA THR B 210 19.08 -22.77 27.11
C THR B 210 20.37 -22.58 26.31
N SER B 211 21.04 -23.69 26.04
CA SER B 211 22.28 -23.69 25.27
C SER B 211 22.05 -23.95 23.78
N GLU B 212 20.80 -23.99 23.34
CA GLU B 212 20.46 -24.24 21.94
C GLU B 212 19.61 -23.12 21.39
N TYR B 213 19.74 -22.88 20.09
CA TYR B 213 18.95 -21.86 19.42
C TYR B 213 17.46 -22.24 19.44
N ARG B 214 16.61 -21.23 19.50
CA ARG B 214 15.18 -21.38 19.26
C ARG B 214 14.90 -20.91 17.84
N ARG B 215 14.56 -21.84 16.95
CA ARG B 215 14.43 -21.54 15.54
C ARG B 215 12.98 -21.58 15.10
N GLY B 216 12.63 -20.66 14.20
CA GLY B 216 11.31 -20.60 13.63
C GLY B 216 11.37 -19.77 12.36
N PHE B 217 10.22 -19.66 11.69
CA PHE B 217 10.11 -18.76 10.56
C PHE B 217 8.66 -18.32 10.44
N ALA B 218 8.48 -17.10 9.94
CA ALA B 218 7.18 -16.44 9.94
C ALA B 218 6.78 -16.02 8.54
N THR B 219 5.49 -16.08 8.28
CA THR B 219 4.86 -15.43 7.15
C THR B 219 3.89 -14.37 7.67
N SER B 220 3.60 -13.38 6.83
CA SER B 220 2.68 -12.32 7.23
C SER B 220 2.04 -11.71 6.00
N PHE B 221 0.76 -11.37 6.13
CA PHE B 221 -0.02 -10.78 5.05
C PHE B 221 -0.79 -9.59 5.58
N HIS B 222 -1.12 -8.67 4.68
CA HIS B 222 -1.87 -7.48 5.04
C HIS B 222 -2.67 -7.03 3.82
N PRO B 223 -3.68 -6.17 4.01
CA PRO B 223 -4.56 -5.77 2.89
C PRO B 223 -3.85 -5.31 1.64
N CYS B 224 -4.58 -5.33 0.52
CA CYS B 224 -4.00 -4.97 -0.77
C CYS B 224 -3.52 -3.52 -0.80
N HIS B 225 -4.21 -2.62 -0.09
CA HIS B 225 -3.94 -1.20 -0.18
C HIS B 225 -2.79 -0.74 0.72
N PHE B 226 -2.11 -1.65 1.39
CA PHE B 226 -1.00 -1.31 2.28
C PHE B 226 0.32 -1.76 1.68
N THR B 227 1.35 -0.94 1.82
CA THR B 227 2.66 -1.24 1.24
C THR B 227 3.37 -2.28 2.08
N PRO B 228 3.82 -3.39 1.49
CA PRO B 228 4.48 -4.45 2.27
C PRO B 228 5.85 -4.01 2.77
N ILE B 229 6.38 -4.81 3.71
CA ILE B 229 7.71 -4.55 4.24
C ILE B 229 8.76 -4.76 3.15
N GLU B 230 8.71 -5.91 2.47
CA GLU B 230 9.69 -6.27 1.48
C GLU B 230 9.11 -6.19 0.08
N SER B 231 9.95 -5.82 -0.87
CA SER B 231 9.64 -5.89 -2.29
C SER B 231 10.45 -7.02 -2.91
N HIS B 232 9.81 -7.77 -3.81
CA HIS B 232 10.45 -8.92 -4.45
C HIS B 232 10.74 -8.68 -5.92
N HIS B 233 10.74 -7.43 -6.35
CA HIS B 233 10.96 -7.10 -7.76
C HIS B 233 12.41 -7.24 -8.18
N HIS B 234 13.30 -7.68 -7.28
CA HIS B 234 14.68 -7.99 -7.63
C HIS B 234 14.92 -9.48 -7.84
N LEU B 235 13.92 -10.33 -7.56
CA LEU B 235 14.06 -11.75 -7.79
C LEU B 235 14.19 -12.02 -9.30
N PRO B 236 14.93 -13.06 -9.68
CA PRO B 236 15.02 -13.40 -11.11
C PRO B 236 13.66 -13.78 -11.68
N ARG B 237 13.41 -13.35 -12.92
CA ARG B 237 12.10 -13.55 -13.52
C ARG B 237 11.80 -15.02 -13.78
N GLU B 238 12.84 -15.83 -13.96
CA GLU B 238 12.63 -17.27 -14.08
C GLU B 238 12.20 -17.88 -12.75
N MET B 239 12.61 -17.25 -11.63
CA MET B 239 12.10 -17.64 -10.31
C MET B 239 10.67 -17.15 -10.10
N VAL B 240 10.26 -16.10 -10.82
CA VAL B 240 8.90 -15.59 -10.65
C VAL B 240 7.90 -16.46 -11.40
N GLU B 241 8.25 -16.93 -12.60
CA GLU B 241 7.31 -17.69 -13.42
C GLU B 241 7.15 -19.14 -12.96
N GLU B 242 7.98 -19.62 -12.04
CA GLU B 242 7.78 -20.93 -11.44
C GLU B 242 6.92 -20.87 -10.18
N MET B 243 6.37 -19.71 -9.85
CA MET B 243 5.40 -19.56 -8.77
C MET B 243 3.99 -19.76 -9.29
N THR B 244 3.08 -20.11 -8.38
CA THR B 244 1.67 -20.15 -8.73
C THR B 244 1.14 -18.73 -8.91
N PRO B 245 0.08 -18.56 -9.70
CA PRO B 245 -0.50 -17.21 -9.84
C PRO B 245 -0.90 -16.58 -8.52
N LEU B 246 -1.34 -17.38 -7.55
CA LEU B 246 -1.65 -16.85 -6.23
C LEU B 246 -0.40 -16.32 -5.53
N VAL B 247 0.69 -17.08 -5.59
CA VAL B 247 1.94 -16.65 -4.96
C VAL B 247 2.50 -15.43 -5.70
N GLN B 248 2.38 -15.41 -7.03
CA GLN B 248 2.81 -14.24 -7.80
C GLN B 248 2.06 -13.00 -7.35
N LYS B 249 0.76 -13.14 -7.05
CA LYS B 249 -0.01 -12.01 -6.55
C LYS B 249 0.38 -11.66 -5.13
N MET B 250 0.81 -12.64 -4.33
CA MET B 250 1.22 -12.36 -2.96
C MET B 250 2.49 -11.52 -2.91
N LEU B 251 3.43 -11.80 -3.81
CA LEU B 251 4.74 -11.16 -3.78
C LEU B 251 4.80 -9.88 -4.63
N GLY B 252 3.65 -9.33 -5.01
CA GLY B 252 3.61 -8.03 -5.66
C GLY B 252 3.80 -8.04 -7.16
N PHE B 253 3.63 -9.18 -7.82
CA PHE B 253 3.84 -9.29 -9.26
C PHE B 253 2.56 -9.16 -10.07
N ARG B 254 1.40 -9.03 -9.42
CA ARG B 254 0.12 -8.98 -10.11
C ARG B 254 -0.73 -7.85 -9.55
N THR B 255 -1.68 -7.39 -10.37
CA THR B 255 -2.62 -6.37 -9.94
C THR B 255 -3.60 -6.94 -8.92
N LEU B 256 -3.91 -6.14 -7.90
CA LEU B 256 -4.83 -6.53 -6.84
C LEU B 256 -6.14 -5.74 -6.97
N ASN B 257 -7.20 -6.29 -6.38
CA ASN B 257 -8.54 -5.74 -6.51
C ASN B 257 -9.05 -5.27 -5.16
N LEU B 258 -9.53 -4.02 -5.08
CA LEU B 258 -10.12 -3.52 -3.85
C LEU B 258 -11.50 -4.14 -3.64
N HIS B 259 -12.02 -3.98 -2.43
CA HIS B 259 -13.38 -4.42 -2.16
C HIS B 259 -14.39 -3.70 -3.05
N ASN B 260 -14.14 -2.43 -3.37
CA ASN B 260 -14.98 -1.68 -4.30
C ASN B 260 -14.67 -1.98 -5.76
N ASN B 261 -13.89 -3.04 -6.02
CA ASN B 261 -13.51 -3.52 -7.34
C ASN B 261 -12.55 -2.60 -8.07
N VAL B 262 -12.11 -1.50 -7.45
CA VAL B 262 -11.05 -0.69 -8.04
C VAL B 262 -9.74 -1.44 -7.93
N LYS B 263 -8.94 -1.43 -9.00
CA LYS B 263 -7.70 -2.17 -9.00
C LYS B 263 -6.55 -1.27 -8.58
N VAL B 264 -5.75 -1.75 -7.62
CA VAL B 264 -4.51 -1.08 -7.23
C VAL B 264 -3.35 -1.87 -7.82
N TRP B 265 -2.16 -1.26 -7.76
CA TRP B 265 -0.95 -1.87 -8.30
C TRP B 265 -1.14 -2.25 -9.77
N LYS B 266 -1.68 -1.30 -10.55
CA LYS B 266 -2.04 -1.57 -11.93
C LYS B 266 -0.89 -1.27 -12.88
N ALA B 267 -1.04 -1.77 -14.11
CA ALA B 267 -0.15 -1.45 -15.23
C ALA B 267 -0.91 -0.43 -16.08
N GLY B 268 -0.83 0.82 -15.67
CA GLY B 268 -1.64 1.85 -16.30
C GLY B 268 -3.09 1.66 -15.92
N GLU B 269 -3.93 1.33 -16.89
CA GLU B 269 -5.29 0.92 -16.63
C GLU B 269 -5.48 -0.58 -16.79
N GLY B 270 -4.42 -1.32 -17.11
CA GLY B 270 -4.48 -2.76 -17.25
C GLY B 270 -3.78 -3.48 -16.10
N ASN B 271 -3.70 -4.80 -16.25
CA ASN B 271 -3.09 -5.64 -15.23
C ASN B 271 -1.58 -5.65 -15.37
N LEU B 272 -0.90 -5.67 -14.22
CA LEU B 272 0.57 -5.65 -14.22
C LEU B 272 1.13 -6.93 -14.84
N GLU B 273 0.50 -8.08 -14.56
CA GLU B 273 0.98 -9.34 -15.10
C GLU B 273 0.81 -9.40 -16.62
N ASP B 274 -0.18 -8.69 -17.17
CA ASP B 274 -0.36 -8.68 -18.62
C ASP B 274 0.74 -7.88 -19.30
N ALA B 275 1.14 -6.75 -18.70
CA ALA B 275 2.18 -5.91 -19.28
C ALA B 275 3.58 -6.49 -19.10
N THR B 276 3.75 -7.49 -18.23
CA THR B 276 5.04 -8.11 -18.01
C THR B 276 5.15 -9.48 -18.69
N GLY B 277 4.15 -9.90 -19.43
CA GLY B 277 4.18 -11.21 -20.06
C GLY B 277 4.22 -12.35 -19.06
N LEU B 278 3.51 -12.20 -17.95
CA LEU B 278 3.53 -13.19 -16.88
C LEU B 278 2.39 -14.21 -17.02
#